data_2AYB
#
_entry.id   2AYB
#
_cell.length_a   75.247
_cell.length_b   75.247
_cell.length_c   97.426
_cell.angle_alpha   90.00
_cell.angle_beta   90.00
_cell.angle_gamma   120.00
#
_symmetry.space_group_name_H-M   'P 61'
#
loop_
_entity.id
_entity.type
_entity.pdbx_description
1 polymer "5'-D(*CP*AP*AP*CP*CP*GP*AP*AP*TP*TP*CP*GP*GP*TP*TP*G)-3'"
2 polymer 'Regulatory protein E2'
3 water water
#
loop_
_entity_poly.entity_id
_entity_poly.type
_entity_poly.pdbx_seq_one_letter_code
_entity_poly.pdbx_strand_id
1 'polydeoxyribonucleotide' (DC)(DA)(DA)(DC)(DC)(DG)(DA)(DA)(DT)(DT)(DC)(DG)(DG)(DT)(DT)(DG) C,D
2 'polypeptide(L)'
;SSATPIVQFQGESNCLKCFRYRLNDKHRHLFDLISSTWHWASPKAPHKHAIVTVTYHSEEQRQQFLNVVKIPPTIRHKLG
FMSMHLL
;
A,B
#
# COMPACT_ATOMS: atom_id res chain seq x y z
N SER C 1 15.41 7.33 10.90
CA SER C 1 15.09 6.33 9.84
C SER C 1 14.11 6.90 8.81
N SER C 2 14.10 6.28 7.62
CA SER C 2 13.14 6.61 6.57
C SER C 2 11.87 5.74 6.61
N ALA C 3 11.50 5.33 7.82
CA ALA C 3 10.26 4.61 7.98
C ALA C 3 9.16 5.63 8.24
N THR C 4 8.20 5.76 7.30
CA THR C 4 6.94 6.48 7.54
C THR C 4 6.02 5.60 8.35
N PRO C 5 5.70 6.05 9.59
CA PRO C 5 4.81 5.34 10.51
C PRO C 5 3.36 5.41 9.99
N ILE C 6 2.76 4.24 9.82
CA ILE C 6 1.46 4.12 9.16
C ILE C 6 0.54 3.11 9.83
N VAL C 7 -0.75 3.22 9.48
CA VAL C 7 -1.77 2.32 9.98
C VAL C 7 -2.52 1.73 8.81
N GLN C 8 -2.69 0.42 8.84
CA GLN C 8 -3.41 -0.24 7.80
C GLN C 8 -4.82 -0.60 8.28
N PHE C 9 -5.80 -0.44 7.40
CA PHE C 9 -7.17 -0.75 7.76
C PHE C 9 -7.78 -1.82 6.85
N GLN C 10 -8.22 -2.93 7.45
CA GLN C 10 -8.85 -4.01 6.72
C GLN C 10 -10.30 -3.90 7.05
N GLY C 11 -11.15 -4.51 6.25
CA GLY C 11 -12.59 -4.48 6.47
C GLY C 11 -13.34 -4.36 5.16
N GLU C 12 -14.67 -4.33 5.24
CA GLU C 12 -15.55 -4.28 4.09
C GLU C 12 -15.19 -3.05 3.26
N SER C 13 -15.19 -3.19 1.94
CA SER C 13 -14.70 -2.08 1.11
C SER C 13 -15.53 -0.76 1.20
N ASN C 14 -16.84 -0.89 1.26
CA ASN C 14 -17.66 0.29 1.37
C ASN C 14 -17.47 1.01 2.68
N CYS C 15 -17.31 0.29 3.79
CA CYS C 15 -17.09 0.95 5.09
C CYS C 15 -15.90 1.85 4.99
N LEU C 16 -14.79 1.29 4.52
CA LEU C 16 -13.56 2.01 4.49
C LEU C 16 -13.76 3.28 3.70
N LYS C 17 -14.45 3.15 2.56
CA LYS C 17 -14.73 4.32 1.73
C LYS C 17 -15.18 5.47 2.63
N CYS C 18 -16.22 5.22 3.39
CA CYS C 18 -16.84 6.30 4.10
C CYS C 18 -15.97 6.70 5.24
N PHE C 19 -15.47 5.73 5.97
CA PHE C 19 -14.43 6.03 6.93
C PHE C 19 -13.39 7.01 6.35
N ARG C 20 -12.99 6.84 5.08
CA ARG C 20 -12.01 7.72 4.47
C ARG C 20 -12.63 9.09 4.37
N TYR C 21 -13.80 9.14 3.77
CA TYR C 21 -14.55 10.38 3.68
C TYR C 21 -14.68 11.10 5.05
N ARG C 22 -15.04 10.37 6.10
CA ARG C 22 -15.08 10.85 7.50
C ARG C 22 -13.73 11.43 7.89
N LEU C 23 -12.65 10.74 7.53
CA LEU C 23 -11.35 11.20 7.95
C LEU C 23 -10.94 12.48 7.28
N ASN C 24 -11.18 12.59 5.98
CA ASN C 24 -10.82 13.80 5.22
C ASN C 24 -11.63 15.01 5.66
N ASP C 25 -12.91 14.78 5.94
CA ASP C 25 -13.84 15.82 6.30
C ASP C 25 -13.54 16.42 7.65
N LYS C 26 -13.07 15.62 8.60
CA LYS C 26 -12.97 16.11 9.99
C LYS C 26 -11.61 15.97 10.69
N HIS C 27 -10.58 15.44 10.02
CA HIS C 27 -9.37 14.94 10.71
C HIS C 27 -8.07 15.12 9.92
N ARG C 28 -8.18 15.92 8.88
CA ARG C 28 -7.11 16.20 7.93
C ARG C 28 -5.77 16.42 8.65
N HIS C 29 -5.86 17.07 9.80
CA HIS C 29 -4.71 17.44 10.63
C HIS C 29 -4.12 16.25 11.39
N LEU C 30 -4.94 15.27 11.74
CA LEU C 30 -4.49 14.15 12.58
C LEU C 30 -3.59 13.11 11.87
N PHE C 31 -3.57 13.14 10.53
CA PHE C 31 -2.74 12.27 9.68
C PHE C 31 -2.16 13.00 8.46
N ASP C 32 -1.70 12.22 7.49
CA ASP C 32 -0.99 12.76 6.36
C ASP C 32 -1.60 12.39 5.03
N LEU C 33 -1.31 11.18 4.57
CA LEU C 33 -1.86 10.68 3.34
C LEU C 33 -2.78 9.52 3.62
N ILE C 34 -3.85 9.44 2.84
CA ILE C 34 -4.81 8.36 2.98
C ILE C 34 -4.93 7.75 1.61
N SER C 35 -4.99 6.42 1.55
CA SER C 35 -4.99 5.71 0.30
C SER C 35 -6.41 5.46 -0.15
N SER C 36 -6.57 5.15 -1.43
CA SER C 36 -7.83 4.66 -1.94
C SER C 36 -8.01 3.29 -1.29
N THR C 37 -9.14 2.66 -1.55
CA THR C 37 -9.37 1.36 -0.94
C THR C 37 -8.90 0.16 -1.79
N TRP C 38 -7.77 -0.41 -1.42
CA TRP C 38 -7.21 -1.47 -2.23
C TRP C 38 -7.37 -2.89 -1.66
N HIS C 39 -6.73 -3.86 -2.31
CA HIS C 39 -6.79 -5.21 -1.79
C HIS C 39 -5.76 -6.01 -2.54
N TRP C 40 -5.54 -7.25 -2.09
CA TRP C 40 -4.44 -8.03 -2.60
C TRP C 40 -4.97 -8.81 -3.75
N ALA C 41 -4.32 -8.67 -4.91
CA ALA C 41 -4.91 -9.08 -6.19
C ALA C 41 -4.72 -10.52 -6.68
N SER C 42 -3.63 -11.20 -6.30
CA SER C 42 -3.44 -12.62 -6.74
C SER C 42 -4.34 -13.64 -5.98
N PRO C 43 -4.48 -14.89 -6.47
CA PRO C 43 -5.04 -15.94 -5.60
C PRO C 43 -4.15 -16.34 -4.38
N LYS C 44 -2.92 -15.83 -4.34
CA LYS C 44 -1.99 -16.09 -3.24
C LYS C 44 -2.28 -15.17 -2.02
N ALA C 45 -3.42 -14.49 -2.09
CA ALA C 45 -3.94 -13.56 -1.07
C ALA C 45 -3.86 -14.05 0.38
N PRO C 46 -3.24 -13.25 1.27
CA PRO C 46 -3.30 -13.66 2.66
C PRO C 46 -4.70 -13.52 3.23
N HIS C 47 -5.44 -12.50 2.82
CA HIS C 47 -6.86 -12.39 3.21
C HIS C 47 -7.78 -12.04 2.05
N LYS C 48 -8.78 -11.20 2.33
CA LYS C 48 -9.93 -11.06 1.46
C LYS C 48 -10.50 -9.70 1.65
N HIS C 49 -10.02 -9.02 2.68
CA HIS C 49 -10.52 -7.72 3.06
C HIS C 49 -10.11 -6.64 2.10
N ALA C 50 -10.85 -5.54 2.14
CA ALA C 50 -10.39 -4.33 1.50
C ALA C 50 -9.40 -3.63 2.44
N ILE C 51 -8.65 -2.69 1.93
CA ILE C 51 -7.65 -2.06 2.75
C ILE C 51 -7.59 -0.58 2.45
N VAL C 52 -7.36 0.18 3.50
CA VAL C 52 -6.91 1.53 3.34
C VAL C 52 -5.67 1.75 4.18
N THR C 53 -4.57 2.18 3.52
CA THR C 53 -3.40 2.75 4.20
C THR C 53 -3.62 4.22 4.58
N VAL C 54 -3.09 4.61 5.72
CA VAL C 54 -3.05 6.00 6.15
C VAL C 54 -1.67 6.27 6.70
N THR C 55 -1.06 7.37 6.29
CA THR C 55 0.31 7.62 6.71
C THR C 55 0.39 8.79 7.68
N TYR C 56 1.56 8.96 8.29
CA TYR C 56 1.72 9.94 9.35
C TYR C 56 3.00 10.73 9.23
N HIS C 57 3.02 11.84 9.95
CA HIS C 57 4.18 12.72 10.02
C HIS C 57 5.19 12.16 11.00
N SER C 58 4.73 11.86 12.21
CA SER C 58 5.59 11.42 13.31
C SER C 58 4.89 10.30 14.01
N GLU C 59 5.68 9.42 14.61
CA GLU C 59 5.16 8.31 15.42
C GLU C 59 4.20 8.86 16.45
N GLU C 60 4.42 10.14 16.77
CA GLU C 60 3.63 10.90 17.73
C GLU C 60 2.27 11.36 17.20
N GLN C 61 2.21 11.83 15.94
CA GLN C 61 0.94 12.25 15.30
C GLN C 61 0.05 11.04 15.12
N ARG C 62 0.69 9.92 14.80
CA ARG C 62 0.07 8.61 14.66
C ARG C 62 -0.62 8.32 15.95
N GLN C 63 0.18 8.15 17.02
CA GLN C 63 -0.32 7.86 18.35
C GLN C 63 -1.43 8.84 18.81
N GLN C 64 -1.27 10.12 18.50
CA GLN C 64 -2.24 11.15 18.84
C GLN C 64 -3.55 10.87 18.13
N PHE C 65 -3.44 10.70 16.81
CA PHE C 65 -4.55 10.30 15.91
C PHE C 65 -5.40 9.21 16.55
N LEU C 66 -4.72 8.14 16.98
CA LEU C 66 -5.34 6.93 17.52
C LEU C 66 -6.23 7.20 18.74
N ASN C 67 -5.78 8.10 19.61
CA ASN C 67 -6.55 8.45 20.82
C ASN C 67 -7.85 9.21 20.51
N VAL C 68 -7.75 10.14 19.55
CA VAL C 68 -8.89 10.97 19.15
C VAL C 68 -9.90 10.21 18.32
N VAL C 69 -9.45 9.21 17.56
CA VAL C 69 -10.31 8.66 16.52
C VAL C 69 -11.06 7.39 16.93
N LYS C 70 -12.37 7.43 16.74
CA LYS C 70 -13.22 6.31 17.06
C LYS C 70 -13.45 5.46 15.82
N ILE C 71 -12.53 4.53 15.60
CA ILE C 71 -12.59 3.55 14.51
C ILE C 71 -13.77 2.57 14.67
N PRO C 72 -14.66 2.50 13.66
CA PRO C 72 -15.84 1.64 13.76
C PRO C 72 -15.38 0.23 14.04
N PRO C 73 -16.16 -0.54 14.82
CA PRO C 73 -15.52 -1.77 15.35
C PRO C 73 -15.42 -2.82 14.26
N THR C 74 -16.22 -2.67 13.20
CA THR C 74 -16.18 -3.53 12.02
C THR C 74 -14.88 -3.32 11.25
N ILE C 75 -14.04 -2.44 11.77
CA ILE C 75 -12.78 -2.09 11.11
C ILE C 75 -11.58 -2.31 12.02
N ARG C 76 -10.70 -3.21 11.61
CA ARG C 76 -9.51 -3.53 12.38
C ARG C 76 -8.29 -2.92 11.72
N HIS C 77 -7.25 -2.65 12.52
CA HIS C 77 -6.09 -1.96 12.04
C HIS C 77 -4.81 -2.53 12.61
N LYS C 78 -3.71 -2.19 11.94
CA LYS C 78 -2.41 -2.63 12.35
C LYS C 78 -1.55 -1.43 12.20
N LEU C 79 -0.45 -1.43 12.95
CA LEU C 79 0.56 -0.39 12.89
C LEU C 79 1.82 -0.94 12.23
N GLY C 80 2.53 -0.07 11.52
CA GLY C 80 3.69 -0.50 10.76
C GLY C 80 4.48 0.69 10.28
N PHE C 81 5.27 0.48 9.23
CA PHE C 81 6.14 1.49 8.69
C PHE C 81 6.35 1.11 7.27
N MET C 82 6.53 2.11 6.43
CA MET C 82 6.97 1.89 5.06
C MET C 82 7.89 3.02 4.71
N SER C 83 8.70 2.81 3.69
CA SER C 83 9.68 3.79 3.28
C SER C 83 8.97 5.11 2.90
N MET C 84 9.41 6.25 3.45
CA MET C 84 8.84 7.56 3.11
C MET C 84 9.12 8.02 1.68
N HIS C 85 10.37 7.83 1.25
CA HIS C 85 10.70 7.18 -0.01
C HIS C 85 9.53 7.07 -0.98
N LEU C 86 8.56 6.24 -0.59
CA LEU C 86 7.50 5.69 -1.42
C LEU C 86 6.20 6.50 -1.50
N LEU C 87 5.92 7.33 -0.51
CA LEU C 87 4.87 8.31 -0.66
C LEU C 87 5.26 9.36 -1.72
N SER D 1 15.40 -8.27 8.86
CA SER D 1 14.47 -7.71 9.90
C SER D 1 13.00 -8.10 9.65
N SER D 2 12.08 -7.32 10.22
CA SER D 2 10.63 -7.45 9.92
C SER D 2 10.17 -6.52 8.78
N ALA D 3 11.08 -6.26 7.85
CA ALA D 3 10.77 -5.46 6.68
C ALA D 3 10.56 -6.42 5.52
N THR D 4 9.35 -6.42 4.93
CA THR D 4 9.11 -7.09 3.64
C THR D 4 9.61 -6.20 2.50
N PRO D 5 10.63 -6.69 1.76
CA PRO D 5 11.23 -5.97 0.63
C PRO D 5 10.24 -5.95 -0.52
N ILE D 6 9.95 -4.74 -1.01
CA ILE D 6 8.88 -4.52 -1.98
C ILE D 6 9.24 -3.51 -3.05
N VAL D 7 8.46 -3.52 -4.12
CA VAL D 7 8.62 -2.58 -5.23
C VAL D 7 7.29 -1.91 -5.50
N GLN D 8 7.32 -0.60 -5.63
CA GLN D 8 6.12 0.14 -5.90
C GLN D 8 6.08 0.55 -7.37
N PHE D 9 4.91 0.44 -7.99
CA PHE D 9 4.78 0.84 -9.39
C PHE D 9 3.78 1.97 -9.59
N GLN D 10 4.26 3.07 -10.18
CA GLN D 10 3.41 4.22 -10.46
C GLN D 10 3.22 4.18 -11.96
N GLY D 11 2.21 4.87 -12.45
CA GLY D 11 1.93 4.92 -13.87
C GLY D 11 0.45 4.87 -14.13
N GLU D 12 0.07 4.92 -15.40
CA GLU D 12 -1.33 4.94 -15.84
C GLU D 12 -2.06 3.74 -15.27
N SER D 13 -3.28 3.93 -14.79
CA SER D 13 -3.95 2.83 -14.07
C SER D 13 -4.21 1.56 -14.92
N ASN D 14 -4.62 1.76 -16.16
CA ASN D 14 -4.88 0.62 -17.01
C ASN D 14 -3.61 -0.15 -17.28
N CYS D 15 -2.48 0.52 -17.53
CA CYS D 15 -1.23 -0.21 -17.78
C CYS D 15 -0.94 -1.17 -16.69
N LEU D 16 -0.99 -0.65 -15.46
CA LEU D 16 -0.62 -1.44 -14.33
C LEU D 16 -1.52 -2.65 -14.29
N LYS D 17 -2.81 -2.44 -14.50
CA LYS D 17 -3.75 -3.54 -14.52
C LYS D 17 -3.11 -4.70 -15.28
N CYS D 18 -2.77 -4.46 -16.55
CA CYS D 18 -2.35 -5.52 -17.42
C CYS D 18 -1.00 -6.02 -17.02
N PHE D 19 -0.09 -5.09 -16.76
CA PHE D 19 1.15 -5.47 -16.12
C PHE D 19 0.90 -6.52 -15.01
N ARG D 20 -0.15 -6.32 -14.19
CA ARG D 20 -0.40 -7.24 -13.10
C ARG D 20 -0.77 -8.56 -13.69
N TYR D 21 -1.74 -8.53 -14.60
CA TYR D 21 -2.15 -9.72 -15.31
C TYR D 21 -0.95 -10.49 -15.92
N ARG D 22 -0.08 -9.77 -16.63
CA ARG D 22 1.20 -10.28 -17.17
C ARG D 22 1.98 -10.97 -16.06
N LEU D 23 2.08 -10.33 -14.91
CA LEU D 23 2.89 -10.87 -13.84
C LEU D 23 2.33 -12.13 -13.25
N ASN D 24 1.02 -12.18 -13.03
CA ASN D 24 0.39 -13.37 -12.47
C ASN D 24 0.45 -14.56 -13.43
N ASP D 25 0.31 -14.27 -14.72
CA ASP D 25 0.24 -15.27 -15.76
C ASP D 25 1.59 -15.94 -15.99
N LYS D 26 2.68 -15.21 -15.84
CA LYS D 26 4.00 -15.75 -16.25
C LYS D 26 5.14 -15.71 -15.21
N HIS D 27 4.88 -15.17 -14.01
CA HIS D 27 5.98 -14.79 -13.08
C HIS D 27 5.68 -15.01 -11.59
N ARG D 28 4.63 -15.79 -11.36
CA ARG D 28 4.10 -16.08 -10.04
C ARG D 28 5.23 -16.37 -9.04
N HIS D 29 6.24 -17.07 -9.55
CA HIS D 29 7.40 -17.53 -8.78
C HIS D 29 8.38 -16.41 -8.44
N LEU D 30 8.47 -15.40 -9.30
CA LEU D 30 9.47 -14.33 -9.12
C LEU D 30 9.17 -13.32 -8.00
N PHE D 31 7.92 -13.31 -7.52
CA PHE D 31 7.45 -12.44 -6.40
C PHE D 31 6.47 -13.15 -5.45
N ASP D 32 5.77 -12.36 -4.65
CA ASP D 32 4.93 -12.92 -3.61
C ASP D 32 3.49 -12.47 -3.71
N LEU D 33 3.23 -11.26 -3.24
CA LEU D 33 1.91 -10.70 -3.29
C LEU D 33 1.91 -9.50 -4.22
N ILE D 34 0.80 -9.34 -4.94
CA ILE D 34 0.65 -8.20 -5.83
C ILE D 34 -0.65 -7.51 -5.44
N SER D 35 -0.62 -6.17 -5.39
CA SER D 35 -1.79 -5.41 -4.96
C SER D 35 -2.68 -5.08 -6.13
N SER D 36 -3.91 -4.70 -5.81
CA SER D 36 -4.80 -4.16 -6.82
C SER D 36 -4.19 -2.81 -7.14
N THR D 37 -4.78 -2.09 -8.09
CA THR D 37 -4.21 -0.82 -8.47
C THR D 37 -4.77 0.37 -7.68
N TRP D 38 -4.01 0.89 -6.75
CA TRP D 38 -4.53 1.93 -5.91
C TRP D 38 -3.95 3.32 -6.20
N HIS D 39 -4.28 4.30 -5.35
CA HIS D 39 -3.76 5.64 -5.53
C HIS D 39 -4.05 6.41 -4.28
N TRP D 40 -3.48 7.61 -4.18
CA TRP D 40 -3.56 8.34 -2.94
C TRP D 40 -4.77 9.18 -3.02
N ALA D 41 -5.65 9.05 -2.02
CA ALA D 41 -7.02 9.55 -2.12
C ALA D 41 -7.33 11.00 -1.69
N SER D 42 -6.56 11.60 -0.78
CA SER D 42 -6.82 13.02 -0.38
C SER D 42 -6.37 14.07 -1.45
N PRO D 43 -6.83 15.33 -1.34
CA PRO D 43 -6.15 16.39 -2.12
C PRO D 43 -4.67 16.69 -1.71
N LYS D 44 -4.24 16.13 -0.58
CA LYS D 44 -2.86 16.28 -0.08
C LYS D 44 -1.87 15.33 -0.80
N ALA D 45 -2.36 14.68 -1.87
CA ALA D 45 -1.64 13.77 -2.77
C ALA D 45 -0.24 14.19 -3.19
N PRO D 46 0.77 13.34 -2.96
CA PRO D 46 2.07 13.71 -3.48
C PRO D 46 2.11 13.63 -5.00
N HIS D 47 1.42 12.65 -5.60
CA HIS D 47 1.30 12.61 -7.07
C HIS D 47 -0.12 12.32 -7.51
N LYS D 48 -0.26 11.52 -8.56
CA LYS D 48 -1.50 11.49 -9.35
C LYS D 48 -1.60 10.16 -10.01
N HIS D 49 -0.50 9.43 -9.97
CA HIS D 49 -0.39 8.14 -10.62
C HIS D 49 -1.22 7.09 -9.96
N ALA D 50 -1.49 6.03 -10.71
CA ALA D 50 -1.97 4.84 -10.10
C ALA D 50 -0.78 4.04 -9.53
N ILE D 51 -1.05 3.08 -8.67
CA ILE D 51 0.03 2.38 -8.04
C ILE D 51 -0.29 0.90 -7.93
N VAL D 52 0.74 0.09 -8.11
CA VAL D 52 0.65 -1.27 -7.69
C VAL D 52 1.87 -1.60 -6.82
N THR D 53 1.60 -2.04 -5.58
CA THR D 53 2.60 -2.71 -4.74
C THR D 53 2.78 -4.19 -5.11
N VAL D 54 4.03 -4.66 -5.05
CA VAL D 54 4.38 -6.05 -5.23
C VAL D 54 5.36 -6.44 -4.14
N THR D 55 5.11 -7.53 -3.45
CA THR D 55 5.97 -7.89 -2.33
C THR D 55 6.84 -9.09 -2.65
N TYR D 56 7.82 -9.34 -1.77
CA TYR D 56 8.83 -10.35 -2.03
C TYR D 56 9.13 -11.19 -0.81
N HIS D 57 9.72 -12.36 -1.08
CA HIS D 57 10.15 -13.30 -0.05
C HIS D 57 11.48 -12.84 0.57
N SER D 58 12.46 -12.56 -0.28
CA SER D 58 13.78 -12.19 0.18
C SER D 58 14.25 -11.06 -0.70
N GLU D 59 15.15 -10.24 -0.16
CA GLU D 59 15.78 -9.14 -0.87
C GLU D 59 16.41 -9.67 -2.15
N GLU D 60 16.71 -10.97 -2.11
CA GLU D 60 17.29 -11.72 -3.21
C GLU D 60 16.28 -12.10 -4.31
N GLN D 61 15.07 -12.52 -3.95
CA GLN D 61 14.01 -12.86 -4.92
C GLN D 61 13.61 -11.60 -5.66
N ARG D 62 13.60 -10.50 -4.89
CA ARG D 62 13.32 -9.16 -5.37
C ARG D 62 14.31 -8.88 -6.47
N GLN D 63 15.58 -8.78 -6.08
CA GLN D 63 16.69 -8.50 -7.00
C GLN D 63 16.68 -9.45 -8.22
N GLN D 64 16.34 -10.72 -8.00
CA GLN D 64 16.26 -11.72 -9.08
C GLN D 64 15.15 -11.34 -10.06
N PHE D 65 13.96 -11.13 -9.50
CA PHE D 65 12.76 -10.62 -10.21
C PHE D 65 13.13 -9.51 -11.18
N LEU D 66 13.81 -8.49 -10.65
CA LEU D 66 14.17 -7.28 -11.36
C LEU D 66 14.99 -7.54 -12.62
N ASN D 67 15.92 -8.48 -12.55
CA ASN D 67 16.77 -8.83 -13.71
C ASN D 67 15.97 -9.51 -14.84
N VAL D 68 15.08 -10.43 -14.45
CA VAL D 68 14.25 -11.18 -15.39
C VAL D 68 13.17 -10.32 -16.03
N VAL D 69 12.67 -9.33 -15.31
CA VAL D 69 11.42 -8.70 -15.74
C VAL D 69 11.63 -7.41 -16.55
N LYS D 70 11.00 -7.37 -17.71
CA LYS D 70 11.06 -6.22 -18.57
C LYS D 70 9.85 -5.30 -18.34
N ILE D 71 9.99 -4.44 -17.34
CA ILE D 71 9.03 -3.40 -16.99
C ILE D 71 8.83 -2.37 -18.13
N PRO D 72 7.57 -2.22 -18.61
CA PRO D 72 7.31 -1.29 -19.71
C PRO D 72 7.79 0.09 -19.31
N PRO D 73 8.29 0.87 -20.28
CA PRO D 73 9.06 2.03 -19.83
C PRO D 73 8.14 3.12 -19.33
N THR D 74 6.85 3.02 -19.68
CA THR D 74 5.81 3.93 -19.21
C THR D 74 5.55 3.68 -17.74
N ILE D 75 6.29 2.74 -17.16
CA ILE D 75 6.07 2.35 -15.78
C ILE D 75 7.36 2.47 -14.96
N ARG D 76 7.32 3.33 -13.93
CA ARG D 76 8.48 3.57 -13.10
C ARG D 76 8.25 2.93 -11.75
N HIS D 77 9.34 2.57 -11.07
CA HIS D 77 9.27 1.83 -9.82
C HIS D 77 10.27 2.31 -8.82
N LYS D 78 10.02 1.93 -7.56
CA LYS D 78 10.89 2.29 -6.47
C LYS D 78 10.96 1.07 -5.66
N LEU D 79 12.05 0.97 -4.90
CA LEU D 79 12.29 -0.13 -3.97
C LEU D 79 12.13 0.37 -2.52
N GLY D 80 11.67 -0.50 -1.65
CA GLY D 80 11.40 -0.12 -0.27
C GLY D 80 11.14 -1.33 0.58
N PHE D 81 10.45 -1.11 1.69
CA PHE D 81 10.20 -2.16 2.66
C PHE D 81 8.95 -1.73 3.35
N MET D 82 8.16 -2.70 3.76
CA MET D 82 7.05 -2.45 4.68
C MET D 82 7.01 -3.62 5.64
N SER D 83 6.32 -3.41 6.76
CA SER D 83 6.23 -4.44 7.77
C SER D 83 5.55 -5.70 7.20
N MET D 84 6.15 -6.88 7.40
CA MET D 84 5.57 -8.16 6.93
C MET D 84 4.29 -8.58 7.67
N HIS D 85 4.33 -8.41 8.99
CA HIS D 85 3.29 -7.73 9.76
C HIS D 85 1.96 -7.53 9.01
N LEU D 86 2.02 -6.62 8.04
CA LEU D 86 0.86 -6.03 7.34
C LEU D 86 0.46 -6.73 6.05
N LEU D 87 1.20 -7.73 5.62
CA LEU D 87 0.69 -8.60 4.57
C LEU D 87 -0.31 -9.59 5.18
#